data_4CH5
#
_entry.id   4CH5
#
_cell.length_a   105.376
_cell.length_b   105.376
_cell.length_c   70.801
_cell.angle_alpha   90.00
_cell.angle_beta   90.00
_cell.angle_gamma   120.00
#
_symmetry.space_group_name_H-M   'P 64'
#
loop_
_entity.id
_entity.type
_entity.pdbx_description
1 polymer 'PYRROLYSINE--TRNA LIGASE'
2 non-polymer '(S)-2-amino-6-propionamidohexanoic(((2R,3S,4R,5R)-5-(6-amino-9H-purin-9-yl)-3,4-dihydroxytetrahydrofuran-2-yl)methyl phosphoric) anhydride'
3 non-polymer 'MAGNESIUM ION'
4 non-polymer 1,2-ETHANEDIOL
5 non-polymer 'PYROPHOSPHATE 2-'
6 water water
#
_entity_poly.entity_id   1
_entity_poly.type   'polypeptide(L)'
_entity_poly.pdbx_seq_one_letter_code
;MGSSHHHHHHSSGLVPRGSHMASAPALTKSQTDRLEVLLNPKDEISLNSGKPFRELESELLSRRKKDLQQIYAEERENYL
GKLEREITRFFVDRGFLEIKSPILIPLEYIERMGIDNDTELSKQIFRVDKNFCLRPMLAPNLYNYLRKLDRALPDPIKIF
EIGPCYRKESDGKEHLEEFTMLNFCQMGSGCTRENLESIITDFLNHLGIDFKIVGDSCMVYGDTLDVMHGDLELSSAVVG
PIPLDREWGIDKPWIGAGFGLERLLKVKHDFKNIKRAARSESYYNGISTNL
;
_entity_poly.pdbx_strand_id   A
#
loop_
_chem_comp.id
_chem_comp.type
_chem_comp.name
_chem_comp.formula
EDO non-polymer 1,2-ETHANEDIOL 'C2 H6 O2'
MG non-polymer 'MAGNESIUM ION' 'Mg 2'
POP non-polymer 'PYROPHOSPHATE 2-' 'H2 O7 P2 -2'
YLP non-polymer '(S)-2-amino-6-propionamidohexanoic(((2R,3S,4R,5R)-5-(6-amino-9H-purin-9-yl)-3,4-dihydroxytetrahydrofuran-2-yl)methyl phosphoric) anhydride' 'C19 H30 N7 O9 P'
#
# COMPACT_ATOMS: atom_id res chain seq x y z
N PRO A 25 -4.89 19.37 -37.69
CA PRO A 25 -5.94 18.47 -37.23
C PRO A 25 -5.76 18.12 -35.74
N ALA A 26 -6.83 18.25 -34.96
CA ALA A 26 -6.78 17.94 -33.54
C ALA A 26 -6.40 16.46 -33.32
N LEU A 27 -5.84 16.16 -32.16
CA LEU A 27 -5.50 14.77 -31.84
C LEU A 27 -6.73 13.95 -31.59
N THR A 28 -6.70 12.67 -31.96
CA THR A 28 -7.81 11.80 -31.56
C THR A 28 -7.70 11.45 -30.08
N LYS A 29 -8.80 10.97 -29.52
CA LYS A 29 -8.81 10.51 -28.15
C LYS A 29 -7.83 9.31 -27.98
N SER A 30 -7.77 8.43 -28.99
CA SER A 30 -6.83 7.30 -28.95
C SER A 30 -5.38 7.79 -28.95
N GLN A 31 -5.10 8.77 -29.78
CA GLN A 31 -3.78 9.38 -29.82
C GLN A 31 -3.44 10.01 -28.48
N THR A 32 -4.37 10.76 -27.93
CA THR A 32 -4.18 11.37 -26.64
C THR A 32 -3.95 10.33 -25.55
N ASP A 33 -4.71 9.23 -25.56
CA ASP A 33 -4.48 8.13 -24.60
C ASP A 33 -3.06 7.59 -24.72
N ARG A 34 -2.57 7.44 -25.95
CA ARG A 34 -1.22 6.95 -26.19
C ARG A 34 -0.15 7.90 -25.64
N LEU A 35 -0.30 9.19 -25.91
CA LEU A 35 0.64 10.17 -25.39
C LEU A 35 0.61 10.20 -23.86
N GLU A 36 -0.57 10.01 -23.27
CA GLU A 36 -0.69 10.04 -21.81
C GLU A 36 0.02 8.87 -21.14
N VAL A 37 0.12 7.74 -21.82
CA VAL A 37 0.88 6.62 -21.34
C VAL A 37 2.35 7.01 -21.22
N LEU A 38 2.82 7.85 -22.14
CA LEU A 38 4.21 8.24 -22.23
C LEU A 38 4.53 9.51 -21.44
N LEU A 39 3.49 10.14 -20.92
CA LEU A 39 3.64 11.44 -20.31
C LEU A 39 4.04 11.19 -18.87
N ASN A 40 4.99 11.96 -18.37
CA ASN A 40 5.34 11.89 -16.95
C ASN A 40 4.98 13.23 -16.32
N PRO A 41 4.69 13.24 -15.03
CA PRO A 41 4.29 14.49 -14.37
C PRO A 41 5.40 15.56 -14.43
N LYS A 42 5.05 16.77 -14.85
CA LYS A 42 6.02 17.86 -15.03
C LYS A 42 6.95 17.63 -16.22
N ASP A 43 6.42 17.03 -17.28
CA ASP A 43 7.06 17.05 -18.60
C ASP A 43 7.01 18.50 -19.18
N GLU A 44 6.04 19.29 -18.72
CA GLU A 44 5.84 20.66 -19.23
C GLU A 44 5.81 20.64 -20.76
N ILE A 45 4.99 19.75 -21.31
CA ILE A 45 4.79 19.63 -22.76
C ILE A 45 3.34 20.06 -23.07
N SER A 46 3.17 20.74 -24.20
CA SER A 46 1.87 21.27 -24.65
C SER A 46 1.24 20.37 -25.71
N LEU A 47 0.11 19.74 -25.39
CA LEU A 47 -0.61 18.86 -26.34
C LEU A 47 -1.47 19.65 -27.35
N ASN A 48 -2.23 20.64 -26.88
CA ASN A 48 -2.97 21.56 -27.78
C ASN A 48 -2.05 22.67 -28.31
N SER A 49 -1.15 22.28 -29.21
CA SER A 49 -0.01 23.12 -29.66
C SER A 49 0.14 23.24 -31.18
N GLY A 50 -0.31 22.24 -31.94
CA GLY A 50 -0.19 22.23 -33.41
C GLY A 50 0.70 21.13 -33.99
N LYS A 51 1.61 20.60 -33.18
CA LYS A 51 2.60 19.64 -33.68
C LYS A 51 1.90 18.30 -33.93
N PRO A 52 2.28 17.56 -34.99
CA PRO A 52 1.62 16.28 -35.26
C PRO A 52 1.89 15.20 -34.22
N PHE A 53 0.94 14.29 -34.10
CA PHE A 53 1.06 13.14 -33.23
C PHE A 53 2.42 12.44 -33.31
N ARG A 54 2.81 12.09 -34.52
CA ARG A 54 4.05 11.38 -34.83
C ARG A 54 5.24 12.04 -34.11
N GLU A 55 5.27 13.37 -34.12
CA GLU A 55 6.38 14.14 -33.53
C GLU A 55 6.29 14.20 -32.00
N LEU A 56 5.09 14.42 -31.47
CA LEU A 56 4.87 14.41 -30.02
C LEU A 56 5.21 13.06 -29.45
N GLU A 57 4.76 11.99 -30.12
CA GLU A 57 5.08 10.64 -29.68
C GLU A 57 6.58 10.38 -29.65
N SER A 58 7.27 10.77 -30.72
CA SER A 58 8.70 10.53 -30.85
C SER A 58 9.49 11.25 -29.77
N GLU A 59 9.11 12.50 -29.48
CA GLU A 59 9.71 13.25 -28.38
C GLU A 59 9.56 12.53 -27.03
N LEU A 60 8.36 12.05 -26.74
CA LEU A 60 8.10 11.38 -25.45
C LEU A 60 8.81 10.04 -25.34
N LEU A 61 8.82 9.27 -26.43
CA LEU A 61 9.55 8.01 -26.47
C LEU A 61 11.00 8.27 -26.15
N SER A 62 11.53 9.32 -26.75
CA SER A 62 12.92 9.67 -26.54
C SER A 62 13.17 10.00 -25.07
N ARG A 63 12.31 10.79 -24.46
CA ARG A 63 12.52 11.15 -23.07
C ARG A 63 12.36 9.93 -22.13
N ARG A 64 11.39 9.06 -22.41
CA ARG A 64 11.16 7.92 -21.51
C ARG A 64 12.31 6.93 -21.58
N LYS A 65 12.89 6.75 -22.77
CA LYS A 65 14.07 5.91 -22.92
C LYS A 65 15.24 6.50 -22.12
N LYS A 66 15.38 7.82 -22.19
CA LYS A 66 16.43 8.51 -21.45
C LYS A 66 16.21 8.30 -19.93
N ASP A 67 14.95 8.34 -19.48
CA ASP A 67 14.65 8.12 -18.06
C ASP A 67 15.10 6.70 -17.65
N LEU A 68 14.76 5.69 -18.44
CA LEU A 68 15.18 4.33 -18.10
C LEU A 68 16.70 4.19 -18.12
N GLN A 69 17.34 4.85 -19.10
CA GLN A 69 18.79 4.84 -19.19
C GLN A 69 19.45 5.45 -17.96
N GLN A 70 18.89 6.55 -17.45
CA GLN A 70 19.42 7.18 -16.26
C GLN A 70 19.30 6.27 -15.04
N ILE A 71 18.13 5.64 -14.85
CA ILE A 71 17.97 4.70 -13.74
C ILE A 71 18.99 3.57 -13.85
N TYR A 72 19.14 3.04 -15.07
CA TYR A 72 20.01 1.90 -15.30
C TYR A 72 21.47 2.25 -15.00
N ALA A 73 21.88 3.47 -15.35
CA ALA A 73 23.29 3.87 -15.21
C ALA A 73 23.59 4.21 -13.77
N GLU A 74 22.59 4.68 -13.04
CA GLU A 74 22.83 5.31 -11.74
C GLU A 74 22.31 4.45 -10.58
N GLU A 75 21.02 4.40 -10.32
CA GLU A 75 20.56 3.76 -9.09
C GLU A 75 20.12 2.26 -9.21
N ARG A 76 19.38 1.96 -10.26
CA ARG A 76 18.97 0.61 -10.57
C ARG A 76 17.94 0.01 -9.61
N GLU A 77 17.30 0.83 -8.77
CA GLU A 77 16.34 0.37 -7.79
C GLU A 77 14.90 0.58 -8.24
N ASN A 78 14.07 -0.42 -7.98
CA ASN A 78 12.66 -0.33 -8.23
C ASN A 78 12.00 0.48 -7.11
N TYR A 79 11.06 1.35 -7.46
CA TYR A 79 10.45 2.24 -6.47
C TYR A 79 9.71 1.49 -5.37
N LEU A 80 9.00 0.42 -5.74
CA LEU A 80 8.24 -0.36 -4.78
C LEU A 80 9.17 -1.13 -3.84
N GLY A 81 10.24 -1.72 -4.38
CA GLY A 81 11.24 -2.40 -3.54
C GLY A 81 11.94 -1.39 -2.63
N LYS A 82 12.36 -0.27 -3.20
CA LYS A 82 13.01 0.77 -2.44
C LYS A 82 12.13 1.37 -1.31
N LEU A 83 10.87 1.64 -1.60
CA LEU A 83 9.95 2.12 -0.57
C LEU A 83 9.83 1.11 0.56
N GLU A 84 9.72 -0.16 0.21
CA GLU A 84 9.66 -1.23 1.21
C GLU A 84 10.90 -1.21 2.11
N ARG A 85 12.08 -1.04 1.52
CA ARG A 85 13.29 -0.99 2.32
C ARG A 85 13.35 0.24 3.23
N GLU A 86 12.87 1.38 2.71
CA GLU A 86 12.82 2.60 3.51
C GLU A 86 11.84 2.50 4.66
N ILE A 87 10.67 1.94 4.40
CA ILE A 87 9.66 1.76 5.44
C ILE A 87 10.18 0.77 6.50
N THR A 88 10.79 -0.33 6.05
CA THR A 88 11.38 -1.33 6.92
C THR A 88 12.42 -0.69 7.90
N ARG A 89 13.31 0.15 7.38
CA ARG A 89 14.29 0.80 8.23
CA ARG A 89 14.29 0.86 8.20
C ARG A 89 13.60 1.68 9.27
N PHE A 90 12.60 2.45 8.84
CA PHE A 90 11.86 3.34 9.73
C PHE A 90 11.31 2.58 10.92
N PHE A 91 10.64 1.45 10.67
CA PHE A 91 9.98 0.68 11.74
C PHE A 91 10.94 -0.15 12.59
N VAL A 92 11.96 -0.73 11.96
CA VAL A 92 13.01 -1.38 12.75
C VAL A 92 13.73 -0.40 13.69
N ASP A 93 14.08 0.78 13.20
CA ASP A 93 14.75 1.78 14.04
C ASP A 93 13.88 2.26 15.20
N ARG A 94 12.56 2.16 15.10
CA ARG A 94 11.69 2.60 16.20
CA ARG A 94 11.63 2.60 16.16
C ARG A 94 11.17 1.43 17.07
N GLY A 95 11.86 0.29 17.02
CA GLY A 95 11.58 -0.83 17.94
C GLY A 95 10.61 -1.91 17.46
N PHE A 96 10.25 -1.90 16.18
CA PHE A 96 9.27 -2.85 15.66
C PHE A 96 9.94 -4.04 15.02
N LEU A 97 9.49 -5.25 15.37
CA LEU A 97 10.04 -6.49 14.81
C LEU A 97 9.49 -6.75 13.41
N GLU A 98 10.39 -6.99 12.43
CA GLU A 98 10.00 -7.27 11.02
C GLU A 98 9.46 -8.69 10.88
N ILE A 99 8.24 -8.80 10.37
CA ILE A 99 7.61 -10.10 10.15
C ILE A 99 7.52 -10.41 8.65
N LYS A 100 7.71 -11.68 8.29
CA LYS A 100 7.43 -12.24 6.95
C LYS A 100 6.58 -13.51 7.11
N SER A 101 5.28 -13.36 6.93
CA SER A 101 4.31 -14.43 7.13
C SER A 101 3.70 -14.88 5.78
N PRO A 102 2.93 -15.98 5.80
CA PRO A 102 2.49 -16.52 4.53
C PRO A 102 1.56 -15.58 3.78
N ILE A 103 1.63 -15.64 2.48
CA ILE A 103 0.74 -14.87 1.61
C ILE A 103 -0.51 -15.71 1.35
N LEU A 104 -0.32 -17.01 1.17
CA LEU A 104 -1.38 -17.97 1.01
C LEU A 104 -1.81 -18.41 2.42
N ILE A 105 -3.05 -18.10 2.81
CA ILE A 105 -3.55 -18.36 4.17
C ILE A 105 -4.85 -19.17 4.17
N PRO A 106 -5.18 -19.82 5.31
CA PRO A 106 -6.43 -20.60 5.36
C PRO A 106 -7.64 -19.71 5.20
N LEU A 107 -8.61 -20.18 4.43
CA LEU A 107 -9.89 -19.50 4.34
C LEU A 107 -10.54 -19.31 5.70
N GLU A 108 -10.36 -20.27 6.60
CA GLU A 108 -10.87 -20.12 7.98
C GLU A 108 -10.42 -18.80 8.60
N TYR A 109 -9.26 -18.27 8.22
CA TYR A 109 -8.79 -17.00 8.81
C TYR A 109 -9.71 -15.84 8.42
N ILE A 110 -10.31 -15.93 7.25
CA ILE A 110 -11.17 -14.89 6.75
C ILE A 110 -12.49 -14.85 7.53
N GLU A 111 -13.06 -16.02 7.80
CA GLU A 111 -14.29 -16.08 8.58
C GLU A 111 -14.00 -15.62 10.01
N ARG A 112 -12.85 -16.04 10.54
CA ARG A 112 -12.50 -15.62 11.88
C ARG A 112 -12.19 -14.17 11.99
N MET A 113 -11.92 -13.50 10.87
CA MET A 113 -11.84 -12.02 10.85
C MET A 113 -13.22 -11.37 10.83
N GLY A 114 -14.28 -12.16 10.95
CA GLY A 114 -15.63 -11.65 10.94
C GLY A 114 -16.12 -11.25 9.56
N ILE A 115 -15.55 -11.85 8.51
CA ILE A 115 -15.96 -11.57 7.14
C ILE A 115 -16.90 -12.67 6.71
N ASP A 116 -18.20 -12.40 6.85
CA ASP A 116 -19.25 -13.34 6.47
C ASP A 116 -19.36 -13.44 4.96
N ASN A 117 -19.88 -14.57 4.49
CA ASN A 117 -20.16 -14.77 3.06
C ASN A 117 -21.19 -13.77 2.48
N ASP A 118 -22.03 -13.19 3.34
CA ASP A 118 -22.95 -12.13 2.95
C ASP A 118 -22.28 -10.77 2.70
N THR A 119 -21.06 -10.57 3.20
CA THR A 119 -20.35 -9.27 3.11
C THR A 119 -19.71 -9.02 1.74
N GLU A 120 -19.50 -7.75 1.40
CA GLU A 120 -18.90 -7.34 0.11
C GLU A 120 -17.43 -7.78 -0.04
N LEU A 121 -16.66 -7.64 1.05
CA LEU A 121 -15.28 -8.10 1.05
C LEU A 121 -15.15 -9.62 0.82
N SER A 122 -16.18 -10.38 1.20
CA SER A 122 -16.20 -11.82 0.92
C SER A 122 -16.21 -12.12 -0.57
N LYS A 123 -16.91 -11.30 -1.35
CA LYS A 123 -16.92 -11.44 -2.81
C LYS A 123 -15.53 -11.11 -3.41
N GLN A 124 -14.67 -10.46 -2.65
CA GLN A 124 -13.41 -9.97 -3.18
C GLN A 124 -12.22 -10.92 -2.92
N ILE A 125 -12.46 -12.08 -2.31
CA ILE A 125 -11.38 -12.98 -1.91
C ILE A 125 -11.01 -13.85 -3.09
N PHE A 126 -9.71 -13.96 -3.42
CA PHE A 126 -9.23 -14.96 -4.40
C PHE A 126 -9.00 -16.28 -3.68
N ARG A 127 -9.87 -17.27 -3.93
CA ARG A 127 -9.75 -18.59 -3.34
CA ARG A 127 -9.78 -18.61 -3.37
C ARG A 127 -8.74 -19.43 -4.13
N VAL A 128 -8.04 -20.33 -3.44
CA VAL A 128 -7.01 -21.10 -4.13
C VAL A 128 -7.30 -22.60 -4.15
N ASP A 129 -7.47 -23.25 -3.02
CA ASP A 129 -7.98 -24.63 -3.06
C ASP A 129 -9.34 -24.63 -2.39
N LYS A 130 -9.75 -25.79 -1.90
CA LYS A 130 -10.91 -25.88 -1.04
C LYS A 130 -10.66 -25.04 0.20
N ASN A 131 -9.41 -24.98 0.65
CA ASN A 131 -9.10 -24.54 1.99
C ASN A 131 -8.32 -23.24 2.14
N PHE A 132 -7.76 -22.72 1.06
CA PHE A 132 -6.83 -21.57 1.14
C PHE A 132 -7.30 -20.39 0.29
N CYS A 133 -6.66 -19.25 0.51
CA CYS A 133 -6.92 -18.03 -0.27
C CYS A 133 -5.66 -17.17 -0.26
N LEU A 134 -5.56 -16.23 -1.21
CA LEU A 134 -4.60 -15.14 -1.15
C LEU A 134 -5.07 -14.13 -0.11
N ARG A 135 -4.19 -13.75 0.80
CA ARG A 135 -4.60 -12.88 1.91
C ARG A 135 -5.05 -11.52 1.38
N PRO A 136 -6.22 -11.06 1.80
CA PRO A 136 -6.71 -9.72 1.45
C PRO A 136 -6.22 -8.62 2.39
N MET A 137 -5.55 -9.03 3.48
CA MET A 137 -5.06 -8.14 4.51
C MET A 137 -4.03 -8.88 5.39
N LEU A 138 -3.27 -8.13 6.18
CA LEU A 138 -2.23 -8.69 7.04
C LEU A 138 -2.73 -9.08 8.44
N ALA A 139 -3.88 -8.57 8.86
CA ALA A 139 -4.35 -8.69 10.25
C ALA A 139 -4.35 -10.11 10.86
N PRO A 140 -4.88 -11.12 10.14
CA PRO A 140 -4.98 -12.44 10.77
C PRO A 140 -3.61 -12.99 11.18
N ASN A 141 -2.64 -12.96 10.28
CA ASN A 141 -1.31 -13.41 10.62
C ASN A 141 -0.68 -12.58 11.72
N LEU A 142 -0.90 -11.26 11.73
CA LEU A 142 -0.27 -10.42 12.76
C LEU A 142 -0.92 -10.66 14.16
N TYR A 143 -2.21 -10.88 14.16
CA TYR A 143 -2.92 -11.32 15.34
C TYR A 143 -2.26 -12.56 15.94
N ASN A 144 -1.99 -13.55 15.10
CA ASN A 144 -1.36 -14.78 15.58
C ASN A 144 0.06 -14.53 16.12
N TYR A 145 0.82 -13.66 15.45
CA TYR A 145 2.15 -13.29 15.93
C TYR A 145 2.07 -12.55 17.28
N LEU A 146 1.11 -11.63 17.42
CA LEU A 146 0.95 -10.93 18.68
C LEU A 146 0.70 -11.94 19.81
N ARG A 147 -0.22 -12.87 19.60
CA ARG A 147 -0.53 -13.85 20.64
C ARG A 147 0.72 -14.65 20.97
N LYS A 148 1.42 -15.13 19.95
CA LYS A 148 2.58 -15.99 20.18
C LYS A 148 3.77 -15.29 20.84
N LEU A 149 4.08 -14.09 20.37
CA LEU A 149 5.22 -13.34 20.89
C LEU A 149 5.00 -12.87 22.31
N ASP A 150 3.74 -12.80 22.74
CA ASP A 150 3.42 -12.37 24.12
C ASP A 150 3.97 -13.34 25.15
N ARG A 151 4.27 -14.56 24.74
CA ARG A 151 4.88 -15.53 25.64
C ARG A 151 6.39 -15.37 25.75
N ALA A 152 6.99 -14.56 24.87
CA ALA A 152 8.46 -14.45 24.81
C ALA A 152 9.02 -13.05 24.96
N LEU A 153 8.29 -12.03 24.52
CA LEU A 153 8.86 -10.69 24.42
C LEU A 153 8.35 -9.80 25.53
N PRO A 154 9.19 -8.86 26.00
CA PRO A 154 8.73 -7.92 27.02
C PRO A 154 7.70 -6.96 26.42
N ASP A 155 6.79 -6.50 27.28
CA ASP A 155 5.81 -5.47 26.98
C ASP A 155 6.54 -4.15 26.73
N PRO A 156 6.15 -3.38 25.70
CA PRO A 156 5.11 -3.65 24.73
C PRO A 156 5.64 -4.43 23.54
N ILE A 157 4.77 -5.14 22.87
CA ILE A 157 5.11 -5.93 21.71
C ILE A 157 4.79 -5.10 20.47
N LYS A 158 5.82 -4.89 19.65
CA LYS A 158 5.79 -4.00 18.52
C LYS A 158 6.23 -4.78 17.31
N ILE A 159 5.33 -4.96 16.32
CA ILE A 159 5.66 -5.70 15.09
C ILE A 159 5.13 -5.01 13.84
N PHE A 160 5.68 -5.37 12.68
CA PHE A 160 5.15 -4.92 11.40
C PHE A 160 5.46 -5.93 10.29
N GLU A 161 4.65 -5.88 9.23
CA GLU A 161 4.88 -6.67 8.04
C GLU A 161 4.61 -5.78 6.85
N ILE A 162 5.37 -6.03 5.80
CA ILE A 162 5.12 -5.44 4.50
C ILE A 162 5.05 -6.59 3.51
N GLY A 163 4.00 -6.59 2.68
CA GLY A 163 3.95 -7.55 1.59
C GLY A 163 2.68 -7.58 0.80
N PRO A 164 2.63 -8.47 -0.20
CA PRO A 164 1.50 -8.57 -1.11
C PRO A 164 0.19 -8.94 -0.42
N CYS A 165 -0.88 -8.28 -0.84
CA CYS A 165 -2.26 -8.63 -0.52
C CYS A 165 -3.11 -8.54 -1.82
N TYR A 166 -4.26 -9.20 -1.80
CA TYR A 166 -5.06 -9.43 -2.98
C TYR A 166 -6.55 -9.21 -2.73
N ARG A 167 -7.19 -8.40 -3.57
CA ARG A 167 -8.64 -8.23 -3.55
C ARG A 167 -9.15 -8.06 -4.98
N LYS A 168 -10.18 -8.81 -5.37
CA LYS A 168 -10.88 -8.59 -6.65
C LYS A 168 -11.63 -7.27 -6.57
N GLU A 169 -11.25 -6.28 -7.37
CA GLU A 169 -11.87 -4.95 -7.30
C GLU A 169 -12.50 -4.65 -8.65
N SER A 170 -13.44 -3.71 -8.70
CA SER A 170 -13.73 -2.97 -9.95
C SER A 170 -12.73 -1.79 -9.96
N ASP A 171 -11.47 -2.15 -10.26
CA ASP A 171 -10.27 -1.39 -9.85
C ASP A 171 -10.28 0.10 -10.21
N GLY A 172 -10.04 0.42 -11.48
CA GLY A 172 -9.96 1.80 -11.91
C GLY A 172 -8.74 2.55 -11.36
N LYS A 173 -8.98 3.79 -10.96
CA LYS A 173 -7.91 4.77 -10.76
C LYS A 173 -7.18 4.73 -9.41
N GLU A 174 -7.72 4.02 -8.40
CA GLU A 174 -7.04 3.91 -7.07
C GLU A 174 -7.05 2.54 -6.35
N HIS A 175 -7.60 1.52 -7.02
CA HIS A 175 -7.58 0.14 -6.50
C HIS A 175 -6.83 -0.80 -7.47
N LEU A 176 -5.99 -1.66 -6.91
CA LEU A 176 -5.33 -2.71 -7.67
C LEU A 176 -5.87 -4.03 -7.12
N GLU A 177 -5.78 -5.07 -7.93
CA GLU A 177 -6.13 -6.38 -7.46
C GLU A 177 -4.99 -6.99 -6.67
N GLU A 178 -3.77 -6.66 -7.08
CA GLU A 178 -2.54 -7.09 -6.45
C GLU A 178 -1.84 -5.85 -5.89
N PHE A 179 -1.80 -5.70 -4.57
CA PHE A 179 -1.20 -4.54 -3.95
C PHE A 179 -0.25 -4.95 -2.81
N THR A 180 0.32 -3.95 -2.15
CA THR A 180 1.33 -4.17 -1.17
C THR A 180 0.92 -3.37 0.06
N MET A 181 0.74 -4.06 1.16
CA MET A 181 0.41 -3.42 2.43
C MET A 181 1.59 -3.35 3.38
N LEU A 182 1.67 -2.25 4.10
CA LEU A 182 2.33 -2.14 5.39
C LEU A 182 1.26 -2.22 6.48
N ASN A 183 1.46 -3.08 7.49
CA ASN A 183 0.69 -3.00 8.73
C ASN A 183 1.65 -3.02 9.88
N PHE A 184 1.51 -2.06 10.78
CA PHE A 184 2.26 -2.11 12.04
C PHE A 184 1.28 -2.19 13.20
N CYS A 185 1.73 -2.75 14.32
CA CYS A 185 0.97 -2.73 15.53
C CYS A 185 1.78 -2.84 16.80
N GLN A 186 1.20 -2.32 17.87
CA GLN A 186 1.77 -2.37 19.20
C GLN A 186 0.69 -2.94 20.13
N MET A 187 1.10 -3.81 21.05
CA MET A 187 0.18 -4.43 22.02
C MET A 187 0.77 -4.35 23.45
N GLY A 188 -0.07 -4.01 24.43
CA GLY A 188 0.33 -3.88 25.84
C GLY A 188 0.28 -2.40 26.27
N SER A 189 1.37 -1.90 26.84
CA SER A 189 1.45 -0.51 27.30
C SER A 189 1.68 0.49 26.15
N GLY A 190 1.24 1.74 26.36
CA GLY A 190 1.47 2.81 25.39
C GLY A 190 0.51 2.75 24.19
N CYS A 191 -0.54 1.95 24.29
CA CYS A 191 -1.45 1.79 23.15
C CYS A 191 -2.58 2.82 23.15
N THR A 192 -2.19 4.08 22.96
CA THR A 192 -3.15 5.19 22.94
C THR A 192 -3.37 5.74 21.56
N ARG A 193 -4.50 6.43 21.40
CA ARG A 193 -4.82 7.17 20.21
C ARG A 193 -3.72 8.20 19.93
N GLU A 194 -3.29 8.97 20.93
CA GLU A 194 -2.25 9.96 20.73
C GLU A 194 -0.96 9.33 20.14
N ASN A 195 -0.55 8.17 20.66
CA ASN A 195 0.67 7.49 20.19
C ASN A 195 0.49 6.94 18.80
N LEU A 196 -0.68 6.43 18.49
CA LEU A 196 -0.94 5.96 17.16
C LEU A 196 -0.83 7.14 16.18
N GLU A 197 -1.44 8.27 16.53
CA GLU A 197 -1.37 9.43 15.66
C GLU A 197 0.06 9.98 15.50
N SER A 198 0.85 9.89 16.56
CA SER A 198 2.22 10.39 16.54
C SER A 198 3.09 9.52 15.62
N ILE A 199 2.90 8.20 15.68
CA ILE A 199 3.65 7.31 14.83
C ILE A 199 3.29 7.52 13.34
N ILE A 200 2.00 7.67 13.07
CA ILE A 200 1.54 7.93 11.72
C ILE A 200 2.12 9.27 11.20
N THR A 201 2.12 10.27 12.08
CA THR A 201 2.59 11.61 11.74
C THR A 201 4.10 11.58 11.43
N ASP A 202 4.90 10.99 12.33
CA ASP A 202 6.34 10.82 12.10
C ASP A 202 6.62 10.06 10.79
N PHE A 203 5.86 9.00 10.52
CA PHE A 203 6.06 8.14 9.35
C PHE A 203 5.85 8.90 8.03
N LEU A 204 4.70 9.55 7.91
CA LEU A 204 4.35 10.30 6.71
C LEU A 204 5.20 11.56 6.50
N ASN A 205 5.57 12.24 7.58
CA ASN A 205 6.49 13.38 7.49
C ASN A 205 7.90 12.94 7.07
N HIS A 206 8.33 11.76 7.52
CA HIS A 206 9.58 11.14 7.06
C HIS A 206 9.53 10.81 5.56
N LEU A 207 8.42 10.30 5.06
CA LEU A 207 8.30 10.03 3.62
C LEU A 207 8.07 11.30 2.79
N GLY A 208 7.69 12.40 3.43
CA GLY A 208 7.30 13.59 2.68
C GLY A 208 5.93 13.48 2.01
N ILE A 209 4.95 12.94 2.74
CA ILE A 209 3.60 12.81 2.20
C ILE A 209 2.59 13.59 3.04
N ASP A 210 1.80 14.44 2.39
CA ASP A 210 0.83 15.31 3.06
C ASP A 210 -0.40 14.50 3.44
N PHE A 211 -1.00 14.81 4.57
CA PHE A 211 -2.12 13.99 5.06
C PHE A 211 -2.93 14.73 6.12
N LYS A 212 -4.12 14.23 6.39
CA LYS A 212 -4.90 14.62 7.56
C LYS A 212 -5.51 13.35 8.14
N ILE A 213 -5.65 13.33 9.45
CA ILE A 213 -6.25 12.21 10.13
C ILE A 213 -7.71 12.55 10.43
N VAL A 214 -8.60 11.72 9.93
CA VAL A 214 -10.04 11.95 10.06
C VAL A 214 -10.66 10.82 10.87
N GLY A 215 -11.49 11.19 11.84
CA GLY A 215 -12.27 10.25 12.65
C GLY A 215 -13.02 10.98 13.74
N ASP A 216 -13.86 10.27 14.49
CA ASP A 216 -14.51 10.88 15.66
C ASP A 216 -13.49 11.10 16.78
N TYR A 221 -10.42 3.91 22.39
CA TYR A 221 -10.89 2.54 22.52
C TYR A 221 -12.02 2.27 21.52
N GLY A 222 -11.77 1.40 20.53
CA GLY A 222 -12.74 1.10 19.47
C GLY A 222 -12.73 2.05 18.28
N ASP A 223 -11.89 3.09 18.34
CA ASP A 223 -11.82 4.11 17.27
C ASP A 223 -11.30 3.52 15.95
N THR A 224 -11.92 3.93 14.84
CA THR A 224 -11.38 3.81 13.48
C THR A 224 -11.02 5.18 12.95
N LEU A 225 -9.78 5.30 12.46
CA LEU A 225 -9.26 6.56 11.97
C LEU A 225 -8.83 6.35 10.55
N ASP A 226 -9.17 7.29 9.68
CA ASP A 226 -8.72 7.23 8.32
C ASP A 226 -7.69 8.33 8.11
N VAL A 227 -6.59 7.93 7.47
CA VAL A 227 -5.55 8.85 7.07
C VAL A 227 -5.75 9.15 5.60
N MET A 228 -6.08 10.41 5.30
CA MET A 228 -6.48 10.84 3.98
C MET A 228 -5.45 11.76 3.35
N HIS A 229 -5.29 11.63 2.04
CA HIS A 229 -4.63 12.62 1.20
C HIS A 229 -5.67 13.13 0.21
N GLY A 230 -6.21 14.32 0.47
CA GLY A 230 -7.43 14.78 -0.22
C GLY A 230 -8.50 13.72 -0.08
N ASP A 231 -9.05 13.26 -1.21
CA ASP A 231 -10.07 12.21 -1.23
C ASP A 231 -9.50 10.80 -1.20
N LEU A 232 -8.18 10.66 -1.17
CA LEU A 232 -7.55 9.34 -1.29
C LEU A 232 -7.24 8.79 0.09
N GLU A 233 -7.74 7.59 0.40
CA GLU A 233 -7.45 6.95 1.68
C GLU A 233 -6.08 6.30 1.62
N LEU A 234 -5.16 6.76 2.46
CA LEU A 234 -3.84 6.16 2.57
C LEU A 234 -3.83 5.02 3.56
N SER A 235 -4.61 5.15 4.62
CA SER A 235 -4.63 4.13 5.69
C SER A 235 -5.95 4.09 6.43
N SER A 236 -6.27 2.90 6.94
CA SER A 236 -7.22 2.74 8.04
C SER A 236 -6.44 2.32 9.26
N ALA A 237 -6.70 3.00 10.37
CA ALA A 237 -6.00 2.75 11.62
C ALA A 237 -7.01 2.45 12.70
N VAL A 238 -6.59 1.68 13.71
CA VAL A 238 -7.48 1.20 14.75
C VAL A 238 -6.86 1.37 16.13
N VAL A 239 -7.66 1.83 17.08
CA VAL A 239 -7.28 1.83 18.49
C VAL A 239 -8.11 0.75 19.18
N GLY A 240 -7.46 -0.35 19.54
CA GLY A 240 -8.08 -1.43 20.28
C GLY A 240 -8.14 -1.13 21.77
N PRO A 241 -8.64 -2.07 22.56
CA PRO A 241 -9.19 -3.35 22.12
C PRO A 241 -10.53 -3.26 21.36
N ILE A 242 -10.87 -4.31 20.61
CA ILE A 242 -12.20 -4.45 19.97
C ILE A 242 -12.66 -5.88 20.21
N PRO A 243 -13.97 -6.16 20.07
CA PRO A 243 -14.48 -7.51 20.37
C PRO A 243 -13.86 -8.66 19.57
N LEU A 244 -13.46 -8.39 18.32
CA LEU A 244 -12.83 -9.41 17.47
C LEU A 244 -11.58 -10.03 18.14
N ASP A 245 -10.87 -9.23 18.93
CA ASP A 245 -9.63 -9.67 19.57
C ASP A 245 -9.71 -11.06 20.20
N ARG A 246 -10.83 -11.34 20.87
CA ARG A 246 -10.94 -12.59 21.62
C ARG A 246 -11.01 -13.82 20.72
N GLU A 247 -11.45 -13.68 19.46
CA GLU A 247 -11.37 -14.79 18.48
C GLU A 247 -9.92 -15.17 18.20
N TRP A 248 -9.00 -14.25 18.43
CA TRP A 248 -7.57 -14.49 18.16
C TRP A 248 -6.76 -14.70 19.42
N GLY A 249 -7.43 -14.87 20.57
CA GLY A 249 -6.72 -15.08 21.83
C GLY A 249 -5.96 -13.86 22.31
N ILE A 250 -6.44 -12.68 21.96
CA ILE A 250 -5.84 -11.41 22.37
C ILE A 250 -6.75 -10.74 23.42
N ASP A 251 -6.19 -10.40 24.58
CA ASP A 251 -6.96 -9.71 25.65
CA ASP A 251 -6.92 -9.75 25.68
C ASP A 251 -6.15 -8.55 26.25
N LYS A 252 -5.34 -7.87 25.43
CA LYS A 252 -4.58 -6.66 25.86
C LYS A 252 -4.92 -5.44 24.96
N PRO A 253 -4.64 -4.22 25.44
CA PRO A 253 -4.77 -3.05 24.56
C PRO A 253 -3.81 -3.12 23.36
N TRP A 254 -4.24 -2.54 22.25
CA TRP A 254 -3.40 -2.50 21.05
C TRP A 254 -3.76 -1.34 20.14
N ILE A 255 -2.81 -0.97 19.28
CA ILE A 255 -2.99 0.04 18.26
C ILE A 255 -2.35 -0.43 16.97
N GLY A 256 -2.89 0.02 15.83
CA GLY A 256 -2.32 -0.44 14.55
C GLY A 256 -2.85 0.29 13.35
N ALA A 257 -2.16 0.12 12.23
CA ALA A 257 -2.60 0.74 11.00
C ALA A 257 -2.02 0.03 9.79
N GLY A 258 -2.77 0.09 8.69
CA GLY A 258 -2.40 -0.51 7.43
C GLY A 258 -2.36 0.54 6.34
N PHE A 259 -1.25 0.59 5.60
CA PHE A 259 -1.06 1.50 4.47
C PHE A 259 -0.77 0.75 3.17
N GLY A 260 -1.37 1.17 2.06
CA GLY A 260 -1.04 0.67 0.72
C GLY A 260 0.21 1.33 0.17
N LEU A 261 1.27 0.57 -0.09
CA LEU A 261 2.50 1.18 -0.62
C LEU A 261 2.29 1.86 -1.99
N GLU A 262 1.48 1.26 -2.84
CA GLU A 262 1.22 1.82 -4.18
C GLU A 262 0.52 3.17 -4.10
N ARG A 263 -0.40 3.33 -3.14
CA ARG A 263 -1.01 4.64 -2.87
C ARG A 263 -0.02 5.66 -2.40
N LEU A 264 0.86 5.25 -1.49
CA LEU A 264 1.94 6.13 -1.05
C LEU A 264 2.81 6.58 -2.25
N LEU A 265 3.20 5.64 -3.10
CA LEU A 265 4.01 5.99 -4.28
C LEU A 265 3.26 6.91 -5.23
N LYS A 266 1.98 6.64 -5.44
CA LYS A 266 1.15 7.45 -6.33
C LYS A 266 1.14 8.89 -5.87
N VAL A 267 0.96 9.10 -4.56
CA VAL A 267 0.97 10.45 -4.03
C VAL A 267 2.37 11.03 -4.11
N LYS A 268 3.37 10.26 -3.74
CA LYS A 268 4.72 10.81 -3.70
C LYS A 268 5.23 11.21 -5.08
N HIS A 269 4.96 10.40 -6.10
CA HIS A 269 5.47 10.69 -7.44
C HIS A 269 4.44 11.39 -8.34
N ASP A 270 3.25 11.67 -7.79
CA ASP A 270 2.21 12.40 -8.52
C ASP A 270 1.74 11.65 -9.76
N PHE A 271 1.66 10.32 -9.68
CA PHE A 271 1.09 9.55 -10.75
C PHE A 271 -0.42 9.78 -10.80
N LYS A 272 -0.97 9.97 -11.98
CA LYS A 272 -2.41 10.11 -12.20
C LYS A 272 -3.13 8.76 -12.06
N ASN A 273 -2.45 7.67 -12.38
CA ASN A 273 -3.04 6.34 -12.30
C ASN A 273 -2.22 5.43 -11.43
N ILE A 274 -2.86 4.76 -10.48
CA ILE A 274 -2.18 3.87 -9.52
C ILE A 274 -1.49 2.68 -10.18
N LYS A 275 -1.93 2.29 -11.38
CA LYS A 275 -1.23 1.23 -12.13
C LYS A 275 0.23 1.54 -12.37
N ARG A 276 0.59 2.83 -12.38
CA ARG A 276 2.00 3.24 -12.53
C ARG A 276 2.89 2.92 -11.33
N ALA A 277 2.24 2.64 -10.19
CA ALA A 277 2.93 2.29 -8.95
C ALA A 277 2.91 0.79 -8.66
N ALA A 278 2.25 -0.01 -9.49
CA ALA A 278 2.06 -1.44 -9.20
C ALA A 278 3.20 -2.30 -9.68
N ARG A 279 3.30 -3.48 -9.10
CA ARG A 279 3.99 -4.61 -9.72
C ARG A 279 3.44 -4.74 -11.12
N SER A 280 4.26 -4.73 -12.15
CA SER A 280 3.69 -4.59 -13.50
C SER A 280 4.69 -4.95 -14.53
N GLU A 281 4.18 -5.38 -15.69
CA GLU A 281 5.00 -5.49 -16.90
C GLU A 281 4.87 -4.29 -17.86
N SER A 282 3.97 -3.36 -17.55
CA SER A 282 3.64 -2.24 -18.46
CA SER A 282 3.71 -2.27 -18.50
C SER A 282 4.24 -0.93 -17.97
N TYR A 283 4.62 -0.88 -16.70
CA TYR A 283 5.28 0.28 -16.12
C TYR A 283 6.45 -0.11 -15.22
N TYR A 284 7.56 0.65 -15.32
CA TYR A 284 8.73 0.48 -14.47
C TYR A 284 9.00 1.84 -13.81
N ASN A 285 8.91 1.90 -12.49
CA ASN A 285 9.06 3.16 -11.78
C ASN A 285 8.17 4.25 -12.42
N GLY A 286 6.96 3.89 -12.82
CA GLY A 286 6.04 4.83 -13.45
C GLY A 286 6.34 5.22 -14.89
N ILE A 287 7.30 4.54 -15.52
CA ILE A 287 7.66 4.80 -16.90
C ILE A 287 7.14 3.70 -17.76
N SER A 288 6.48 4.05 -18.86
CA SER A 288 5.95 3.00 -19.74
C SER A 288 7.06 2.10 -20.21
N THR A 289 6.82 0.78 -20.21
CA THR A 289 7.78 -0.16 -20.80
C THR A 289 7.47 -0.49 -22.25
N ASN A 290 6.38 0.07 -22.80
CA ASN A 290 5.95 -0.14 -24.20
C ASN A 290 6.41 1.03 -25.08
N LEU A 291 7.69 0.97 -25.43
CA LEU A 291 8.43 2.05 -26.06
C LEU A 291 8.90 1.67 -27.47
C YLP B . -7.44 -2.78 6.48
N YLP B . -5.31 -3.21 7.46
O YLP B . -7.48 -3.81 5.83
N1 YLP B . -5.46 -1.43 -3.99
C2 YLP B . -4.51 -0.64 -3.45
N3 YLP B . -4.44 -0.33 -2.15
C4 YLP B . -5.37 -0.85 -1.30
C5 YLP B . -6.45 -1.72 -1.81
C6 YLP B . -6.45 -2.00 -3.25
N6 YLP B . -7.41 -2.80 -3.76
N7 YLP B . -7.21 -2.09 -0.77
C8 YLP B . -6.69 -1.50 0.33
N9 YLP B . -5.60 -0.75 0.02
CA YLP B . -6.67 -2.81 7.80
CB YLP B . -6.63 -1.48 8.58
C1' YLP B . -4.75 0.02 0.95
C2' YLP B . -5.23 1.42 1.19
O2' YLP B . -4.08 2.23 1.41
C3' YLP B . -6.05 1.30 2.46
O3' YLP B . -6.13 2.52 3.18
C4' YLP B . -5.21 0.29 3.21
O4' YLP B . -4.78 -0.64 2.22
C5' YLP B . -5.97 -0.40 4.35
O5' YLP B . -6.89 -1.32 3.79
OAD YLP B . -3.03 -4.45 13.00
OAF YLP B . -9.03 -0.05 4.15
OAI YLP B . -8.97 -2.65 3.91
CAM YLP B . -5.07 -2.37 10.44
CAN YLP B . -6.40 -1.68 10.09
CAO YLP B . -4.88 -2.55 11.94
NAW YLP B . -5.13 -3.92 12.38
OAY YLP B . -8.11 -1.56 5.97
CBA YLP B . -4.20 -4.75 12.89
CBF YLP B . -3.74 -6.83 14.28
CBK YLP B . -4.72 -6.10 13.38
PBN YLP B . -8.36 -1.39 4.38
MG MG C . -10.86 1.18 3.93
C1 EDO D . 10.60 5.34 -4.00
O1 EDO D . 10.01 6.62 -4.09
C2 EDO D . 11.48 5.37 -2.78
O2 EDO D . 10.71 5.93 -1.73
C1 EDO E . -2.18 -12.14 24.08
O1 EDO E . -1.79 -13.07 25.09
C2 EDO E . -2.47 -10.79 24.74
O2 EDO E . -3.65 -10.94 25.52
C1 EDO F . 7.38 0.04 -9.60
O1 EDO F . 7.93 -0.33 -10.87
C2 EDO F . 6.17 0.89 -9.73
O2 EDO F . 6.52 2.23 -10.09
C1 EDO G . -0.83 -20.79 13.19
O1 EDO G . 0.05 -21.46 14.08
C2 EDO G . -1.67 -19.77 13.94
O2 EDO G . -1.65 -19.99 15.34
C1 EDO H . -4.41 16.90 3.23
O1 EDO H . -3.75 16.14 2.20
C2 EDO H . -5.84 17.15 2.85
O2 EDO H . -6.51 15.90 2.72
P1 POP I . -10.56 1.70 0.28
O1 POP I . -11.95 2.15 0.68
O2 POP I . -9.87 2.62 -0.71
O3 POP I . -9.71 1.27 1.45
O POP I . -10.89 0.37 -0.56
P2 POP I . -11.10 -1.04 0.19
O4 POP I . -10.34 -2.03 -0.70
O5 POP I . -10.54 -0.82 1.60
O6 POP I . -12.60 -1.22 0.13
#